data_2NAB
#
_entry.id   2NAB
#
loop_
_entity.id
_entity.type
_entity.pdbx_description
1 polymer 'Zinc finger protein 496'
2 non-polymer 'ZINC ION'
#
_entity_poly.entity_id   1
_entity_poly.type   'polypeptide(L)'
_entity_poly.pdbx_seq_one_letter_code
;GAMEVQTSQKSYVCPNCGKIFRWRVNFIRHLRSRREQKPHK
;
_entity_poly.pdbx_strand_id   A
#
# COMPACT_ATOMS: atom_id res chain seq x y z
N GLY A 1 15.99 -0.14 -1.12
CA GLY A 1 14.77 0.22 -0.36
C GLY A 1 14.88 -0.16 1.09
N ALA A 2 14.03 0.42 1.92
CA ALA A 2 14.05 0.16 3.36
C ALA A 2 13.57 -1.26 3.66
N MET A 3 12.52 -1.68 2.97
CA MET A 3 11.92 -2.99 3.21
C MET A 3 12.56 -4.06 2.35
N GLU A 4 13.82 -3.90 2.02
CA GLU A 4 14.54 -4.90 1.24
C GLU A 4 15.16 -5.95 2.16
N VAL A 5 14.29 -6.59 2.92
CA VAL A 5 14.66 -7.71 3.78
C VAL A 5 13.95 -8.94 3.27
N GLN A 6 14.54 -10.11 3.44
CA GLN A 6 13.94 -11.34 2.97
C GLN A 6 12.74 -11.70 3.84
N THR A 7 11.58 -11.15 3.48
CA THR A 7 10.36 -11.37 4.22
C THR A 7 9.16 -11.31 3.28
N SER A 8 8.25 -12.25 3.43
CA SER A 8 7.08 -12.33 2.57
C SER A 8 5.90 -11.60 3.21
N GLN A 9 6.20 -10.80 4.24
CA GLN A 9 5.18 -10.02 4.91
C GLN A 9 4.76 -8.82 4.07
N LYS A 10 5.64 -8.40 3.17
CA LYS A 10 5.34 -7.28 2.29
C LYS A 10 4.67 -7.77 1.01
N SER A 11 3.35 -7.67 0.97
CA SER A 11 2.59 -8.12 -0.19
C SER A 11 1.39 -7.21 -0.44
N TYR A 12 1.45 -6.00 0.09
CA TYR A 12 0.35 -5.07 -0.05
C TYR A 12 0.76 -3.91 -0.97
N VAL A 13 0.16 -3.86 -2.15
CA VAL A 13 0.45 -2.80 -3.10
C VAL A 13 -0.73 -1.86 -3.26
N CYS A 14 -0.48 -0.57 -3.13
CA CYS A 14 -1.48 0.42 -3.51
C CYS A 14 -1.43 0.60 -5.03
N PRO A 15 -2.56 0.32 -5.72
CA PRO A 15 -2.60 0.31 -7.19
C PRO A 15 -2.27 1.66 -7.82
N ASN A 16 -2.52 2.73 -7.08
CA ASN A 16 -2.34 4.07 -7.61
C ASN A 16 -0.93 4.60 -7.37
N CYS A 17 -0.36 4.28 -6.22
CA CYS A 17 0.96 4.79 -5.87
C CYS A 17 2.06 3.79 -6.20
N GLY A 18 1.69 2.51 -6.34
CA GLY A 18 2.67 1.46 -6.55
C GLY A 18 3.45 1.18 -5.28
N LYS A 19 2.91 1.65 -4.16
CA LYS A 19 3.60 1.61 -2.89
C LYS A 19 3.52 0.21 -2.26
N ILE A 20 4.64 -0.26 -1.75
CA ILE A 20 4.71 -1.54 -1.06
C ILE A 20 4.63 -1.34 0.45
N PHE A 21 3.72 -2.08 1.07
CA PHE A 21 3.55 -2.04 2.51
C PHE A 21 3.83 -3.41 3.11
N ARG A 22 4.30 -3.42 4.34
CA ARG A 22 4.60 -4.65 5.03
C ARG A 22 3.53 -4.96 6.08
N TRP A 23 2.77 -3.94 6.46
CA TRP A 23 1.74 -4.09 7.50
C TRP A 23 0.39 -3.69 6.95
N ARG A 24 -0.66 -4.32 7.47
CA ARG A 24 -2.02 -4.05 7.04
C ARG A 24 -2.54 -2.71 7.54
N VAL A 25 -2.23 -2.40 8.80
CA VAL A 25 -2.82 -1.24 9.47
C VAL A 25 -2.44 0.08 8.80
N ASN A 26 -1.16 0.23 8.48
CA ASN A 26 -0.68 1.43 7.81
C ASN A 26 -1.10 1.42 6.34
N PHE A 27 -1.30 0.24 5.80
CA PHE A 27 -1.73 0.07 4.42
C PHE A 27 -3.14 0.62 4.25
N ILE A 28 -4.04 0.19 5.12
CA ILE A 28 -5.43 0.65 5.08
C ILE A 28 -5.50 2.15 5.33
N ARG A 29 -4.60 2.64 6.18
CA ARG A 29 -4.48 4.07 6.44
C ARG A 29 -4.12 4.82 5.16
N HIS A 30 -3.15 4.28 4.44
CA HIS A 30 -2.69 4.85 3.19
C HIS A 30 -3.80 4.79 2.13
N LEU A 31 -4.58 3.72 2.16
CA LEU A 31 -5.71 3.57 1.25
C LEU A 31 -6.85 4.51 1.63
N ARG A 32 -6.91 4.88 2.90
CA ARG A 32 -7.90 5.84 3.38
C ARG A 32 -7.44 7.26 3.05
N SER A 33 -6.14 7.38 2.78
CA SER A 33 -5.54 8.66 2.43
C SER A 33 -5.82 8.99 0.95
N ARG A 34 -6.54 8.10 0.26
CA ARG A 34 -6.94 8.36 -1.11
C ARG A 34 -7.93 9.52 -1.17
N ARG A 35 -8.61 9.72 -0.05
CA ARG A 35 -9.57 10.82 0.08
C ARG A 35 -8.84 12.16 0.08
N GLU A 36 -7.53 12.12 0.30
CA GLU A 36 -6.71 13.32 0.30
C GLU A 36 -6.09 13.55 -1.07
N GLN A 37 -6.40 12.67 -2.01
CA GLN A 37 -5.84 12.76 -3.35
C GLN A 37 -6.77 13.52 -4.28
N LYS A 38 -6.31 13.73 -5.50
CA LYS A 38 -7.11 14.40 -6.52
C LYS A 38 -7.17 13.54 -7.78
N PRO A 39 -8.38 13.02 -8.09
CA PRO A 39 -8.63 12.13 -9.25
C PRO A 39 -8.03 12.67 -10.54
N HIS A 40 -8.16 13.97 -10.75
CA HIS A 40 -7.53 14.62 -11.88
C HIS A 40 -7.27 16.08 -11.55
N LYS A 41 -8.31 16.90 -11.63
CA LYS A 41 -8.25 18.34 -11.35
C LYS A 41 -7.00 18.98 -11.97
N GLY A 1 1.51 -13.58 16.65
CA GLY A 1 1.77 -14.07 18.03
C GLY A 1 3.25 -14.26 18.28
N ALA A 2 3.58 -15.16 19.20
CA ALA A 2 4.98 -15.40 19.56
C ALA A 2 5.63 -16.43 18.65
N MET A 3 4.82 -17.05 17.80
CA MET A 3 5.33 -18.02 16.83
C MET A 3 4.91 -17.61 15.43
N GLU A 4 5.03 -16.31 15.15
CA GLU A 4 4.67 -15.76 13.86
C GLU A 4 5.90 -15.15 13.20
N VAL A 5 6.96 -15.95 13.11
CA VAL A 5 8.20 -15.49 12.51
C VAL A 5 8.09 -15.51 10.99
N GLN A 6 7.19 -16.34 10.48
CA GLN A 6 6.87 -16.34 9.06
C GLN A 6 6.03 -15.12 8.74
N THR A 7 6.67 -14.09 8.22
CA THR A 7 6.00 -12.83 7.96
C THR A 7 6.69 -12.11 6.79
N SER A 8 7.29 -12.89 5.91
CA SER A 8 7.93 -12.35 4.72
C SER A 8 6.99 -12.44 3.53
N GLN A 9 7.25 -11.66 2.50
CA GLN A 9 6.44 -11.65 1.27
C GLN A 9 5.02 -11.17 1.57
N LYS A 10 4.92 -10.15 2.40
CA LYS A 10 3.64 -9.54 2.71
C LYS A 10 3.50 -8.22 1.96
N SER A 11 3.69 -8.29 0.66
CA SER A 11 3.72 -7.10 -0.17
C SER A 11 2.30 -6.60 -0.47
N TYR A 12 1.87 -5.60 0.29
CA TYR A 12 0.60 -4.94 0.02
C TYR A 12 0.85 -3.78 -0.93
N VAL A 13 0.28 -3.86 -2.13
CA VAL A 13 0.55 -2.88 -3.15
C VAL A 13 -0.65 -1.97 -3.39
N CYS A 14 -0.48 -0.68 -3.20
CA CYS A 14 -1.49 0.28 -3.57
C CYS A 14 -1.46 0.48 -5.08
N PRO A 15 -2.56 0.17 -5.77
CA PRO A 15 -2.62 0.26 -7.23
C PRO A 15 -2.56 1.71 -7.72
N ASN A 16 -2.77 2.64 -6.80
CA ASN A 16 -2.80 4.05 -7.14
C ASN A 16 -1.41 4.68 -7.05
N CYS A 17 -0.55 4.13 -6.20
CA CYS A 17 0.78 4.72 -5.99
C CYS A 17 1.91 3.76 -6.30
N GLY A 18 1.62 2.46 -6.30
CA GLY A 18 2.66 1.46 -6.47
C GLY A 18 3.41 1.22 -5.16
N LYS A 19 2.92 1.84 -4.09
CA LYS A 19 3.55 1.78 -2.79
C LYS A 19 3.33 0.40 -2.16
N ILE A 20 4.41 -0.19 -1.64
CA ILE A 20 4.33 -1.50 -1.03
C ILE A 20 4.47 -1.41 0.49
N PHE A 21 3.50 -1.98 1.19
CA PHE A 21 3.49 -1.97 2.65
C PHE A 21 3.59 -3.39 3.16
N ARG A 22 4.17 -3.55 4.33
CA ARG A 22 4.30 -4.86 4.94
C ARG A 22 3.29 -5.03 6.08
N TRP A 23 2.79 -3.91 6.57
CA TRP A 23 1.78 -3.93 7.62
C TRP A 23 0.43 -3.52 7.04
N ARG A 24 -0.60 -4.26 7.38
CA ARG A 24 -1.93 -4.00 6.86
C ARG A 24 -2.53 -2.73 7.49
N VAL A 25 -2.15 -2.44 8.72
CA VAL A 25 -2.74 -1.32 9.45
C VAL A 25 -2.37 0.02 8.80
N ASN A 26 -1.09 0.19 8.48
CA ASN A 26 -0.65 1.41 7.82
C ASN A 26 -1.06 1.40 6.35
N PHE A 27 -1.24 0.20 5.80
CA PHE A 27 -1.68 0.03 4.43
C PHE A 27 -3.09 0.58 4.26
N ILE A 28 -3.99 0.17 5.15
CA ILE A 28 -5.36 0.64 5.13
C ILE A 28 -5.39 2.15 5.36
N ARG A 29 -4.45 2.64 6.15
CA ARG A 29 -4.32 4.09 6.39
C ARG A 29 -4.03 4.82 5.07
N HIS A 30 -3.09 4.28 4.32
CA HIS A 30 -2.67 4.86 3.04
C HIS A 30 -3.76 4.71 1.98
N LEU A 31 -4.48 3.59 2.03
CA LEU A 31 -5.57 3.35 1.10
C LEU A 31 -6.82 4.14 1.49
N ARG A 32 -6.97 4.39 2.77
CA ARG A 32 -8.08 5.19 3.28
C ARG A 32 -8.00 6.60 2.73
N SER A 33 -6.78 7.12 2.68
CA SER A 33 -6.54 8.46 2.15
C SER A 33 -5.95 8.37 0.75
N ARG A 34 -6.50 7.47 -0.05
CA ARG A 34 -6.01 7.25 -1.42
C ARG A 34 -6.33 8.44 -2.32
N ARG A 35 -5.51 8.63 -3.35
CA ARG A 35 -5.67 9.75 -4.29
C ARG A 35 -5.58 11.08 -3.55
N GLU A 36 -4.71 11.12 -2.56
CA GLU A 36 -4.53 12.29 -1.73
C GLU A 36 -3.10 12.34 -1.23
N GLN A 37 -2.47 13.50 -1.36
CA GLN A 37 -1.10 13.69 -0.96
C GLN A 37 -1.03 14.20 0.47
N LYS A 38 -2.06 14.93 0.88
CA LYS A 38 -2.11 15.49 2.22
C LYS A 38 -3.34 14.98 2.97
N PRO A 39 -3.16 13.97 3.83
CA PRO A 39 -4.26 13.40 4.62
C PRO A 39 -4.96 14.45 5.47
N HIS A 40 -6.23 14.69 5.17
CA HIS A 40 -7.01 15.71 5.86
C HIS A 40 -7.51 15.18 7.20
N LYS A 41 -7.72 13.88 7.26
CA LYS A 41 -8.20 13.24 8.48
C LYS A 41 -7.39 11.97 8.76
N GLY A 1 18.59 -3.35 1.60
CA GLY A 1 17.56 -2.49 0.99
C GLY A 1 16.82 -1.68 2.03
N ALA A 2 15.92 -0.82 1.58
CA ALA A 2 15.15 0.01 2.50
C ALA A 2 13.95 -0.75 3.06
N MET A 3 13.04 -1.14 2.17
CA MET A 3 11.81 -1.80 2.57
C MET A 3 11.78 -3.23 2.06
N GLU A 4 12.73 -3.59 1.21
CA GLU A 4 12.80 -4.92 0.64
C GLU A 4 13.43 -5.91 1.62
N VAL A 5 12.71 -6.20 2.68
CA VAL A 5 13.12 -7.21 3.65
C VAL A 5 12.58 -8.57 3.22
N GLN A 6 13.33 -9.62 3.50
CA GLN A 6 12.94 -10.97 3.11
C GLN A 6 11.72 -11.43 3.89
N THR A 7 10.56 -11.34 3.27
CA THR A 7 9.31 -11.75 3.88
C THR A 7 8.22 -11.84 2.82
N SER A 8 7.17 -12.60 3.13
CA SER A 8 6.05 -12.75 2.22
C SER A 8 4.89 -11.86 2.67
N GLN A 9 5.12 -11.12 3.75
CA GLN A 9 4.11 -10.21 4.29
C GLN A 9 4.37 -8.79 3.83
N LYS A 10 4.62 -8.62 2.54
CA LYS A 10 4.89 -7.32 1.97
C LYS A 10 4.30 -7.20 0.58
N SER A 11 3.29 -8.00 0.32
CA SER A 11 2.68 -8.05 -0.99
C SER A 11 1.44 -7.16 -1.06
N TYR A 12 1.47 -6.05 -0.34
CA TYR A 12 0.36 -5.13 -0.32
C TYR A 12 0.69 -3.92 -1.18
N VAL A 13 0.03 -3.81 -2.31
CA VAL A 13 0.30 -2.75 -3.27
C VAL A 13 -0.86 -1.76 -3.31
N CYS A 14 -0.54 -0.48 -3.12
CA CYS A 14 -1.53 0.56 -3.37
C CYS A 14 -1.64 0.77 -4.88
N PRO A 15 -2.83 0.55 -5.45
CA PRO A 15 -3.04 0.70 -6.90
C PRO A 15 -2.82 2.13 -7.36
N ASN A 16 -2.84 3.06 -6.41
CA ASN A 16 -2.71 4.47 -6.71
C ASN A 16 -1.24 4.92 -6.71
N CYS A 17 -0.40 4.25 -5.93
CA CYS A 17 0.98 4.69 -5.79
C CYS A 17 2.00 3.61 -6.20
N GLY A 18 1.57 2.36 -6.20
CA GLY A 18 2.51 1.25 -6.41
C GLY A 18 3.33 0.99 -5.15
N LYS A 19 2.97 1.69 -4.09
CA LYS A 19 3.67 1.62 -2.81
C LYS A 19 3.53 0.25 -2.18
N ILE A 20 4.63 -0.27 -1.65
CA ILE A 20 4.63 -1.56 -0.97
C ILE A 20 4.63 -1.38 0.54
N PHE A 21 3.73 -2.10 1.18
CA PHE A 21 3.60 -2.07 2.63
C PHE A 21 3.83 -3.44 3.21
N ARG A 22 4.34 -3.47 4.44
CA ARG A 22 4.58 -4.72 5.13
C ARG A 22 3.54 -4.94 6.23
N TRP A 23 2.80 -3.90 6.53
CA TRP A 23 1.77 -3.97 7.57
C TRP A 23 0.45 -3.45 6.99
N ARG A 24 -0.62 -4.20 7.23
CA ARG A 24 -1.93 -3.84 6.70
C ARG A 24 -2.51 -2.63 7.42
N VAL A 25 -2.15 -2.45 8.68
CA VAL A 25 -2.72 -1.36 9.48
C VAL A 25 -2.41 0.01 8.87
N ASN A 26 -1.15 0.24 8.53
CA ASN A 26 -0.75 1.48 7.87
C ASN A 26 -1.16 1.46 6.40
N PHE A 27 -1.19 0.27 5.82
CA PHE A 27 -1.62 0.10 4.43
C PHE A 27 -3.04 0.61 4.23
N ILE A 28 -3.96 0.15 5.08
CA ILE A 28 -5.36 0.56 4.99
C ILE A 28 -5.47 2.06 5.23
N ARG A 29 -4.62 2.58 6.10
CA ARG A 29 -4.59 4.01 6.39
C ARG A 29 -4.16 4.79 5.15
N HIS A 30 -3.18 4.25 4.44
CA HIS A 30 -2.67 4.87 3.23
C HIS A 30 -3.73 4.83 2.12
N LEU A 31 -4.49 3.76 2.05
CA LEU A 31 -5.59 3.65 1.09
C LEU A 31 -6.75 4.53 1.51
N ARG A 32 -6.87 4.77 2.82
CA ARG A 32 -7.88 5.65 3.36
C ARG A 32 -7.50 7.10 3.11
N SER A 33 -6.24 7.31 2.77
CA SER A 33 -5.71 8.65 2.53
C SER A 33 -5.75 8.98 1.04
N ARG A 34 -6.63 8.31 0.29
CA ARG A 34 -6.80 8.60 -1.13
C ARG A 34 -7.75 9.78 -1.32
N ARG A 35 -8.61 9.99 -0.35
CA ARG A 35 -9.53 11.12 -0.38
C ARG A 35 -8.78 12.42 -0.16
N GLU A 36 -7.61 12.31 0.46
CA GLU A 36 -6.78 13.47 0.78
C GLU A 36 -5.85 13.78 -0.39
N GLN A 37 -6.34 13.58 -1.60
CA GLN A 37 -5.55 13.80 -2.80
C GLN A 37 -6.30 14.74 -3.74
N LYS A 38 -5.58 15.25 -4.74
CA LYS A 38 -6.18 16.10 -5.75
C LYS A 38 -6.33 15.34 -7.07
N PRO A 39 -7.57 15.21 -7.59
CA PRO A 39 -7.85 14.43 -8.80
C PRO A 39 -6.87 14.74 -9.94
N HIS A 40 -6.83 16.00 -10.36
CA HIS A 40 -5.89 16.42 -11.39
C HIS A 40 -5.60 17.91 -11.25
N LYS A 41 -6.66 18.71 -11.15
CA LYS A 41 -6.58 20.16 -11.08
C LYS A 41 -6.04 20.72 -12.41
N GLY A 1 15.65 -18.09 -9.52
CA GLY A 1 16.72 -18.00 -8.51
C GLY A 1 16.31 -18.61 -7.18
N ALA A 2 15.46 -17.89 -6.45
CA ALA A 2 15.00 -18.35 -5.16
C ALA A 2 13.59 -17.84 -4.88
N MET A 3 13.47 -16.52 -4.72
CA MET A 3 12.18 -15.91 -4.47
C MET A 3 11.61 -15.34 -5.76
N GLU A 4 12.08 -14.12 -6.11
CA GLU A 4 11.61 -13.39 -7.29
C GLU A 4 10.13 -13.01 -7.18
N VAL A 5 9.27 -14.02 -7.14
CA VAL A 5 7.84 -13.82 -6.99
C VAL A 5 7.46 -13.91 -5.52
N GLN A 6 6.59 -12.99 -5.08
CA GLN A 6 6.17 -12.95 -3.69
C GLN A 6 5.30 -14.16 -3.38
N THR A 7 5.85 -15.09 -2.61
CA THR A 7 5.16 -16.32 -2.28
C THR A 7 4.83 -16.41 -0.79
N SER A 8 3.53 -16.33 -0.49
CA SER A 8 3.04 -16.35 0.89
C SER A 8 3.70 -15.23 1.70
N GLN A 9 3.78 -14.06 1.10
CA GLN A 9 4.39 -12.91 1.74
C GLN A 9 3.37 -11.78 1.84
N LYS A 10 3.57 -10.89 2.77
CA LYS A 10 2.62 -9.80 2.98
C LYS A 10 3.17 -8.51 2.38
N SER A 11 3.12 -8.43 1.06
CA SER A 11 3.55 -7.25 0.35
C SER A 11 2.33 -6.57 -0.26
N TYR A 12 1.76 -5.63 0.47
CA TYR A 12 0.56 -4.96 0.02
C TYR A 12 0.92 -3.78 -0.87
N VAL A 13 0.63 -3.89 -2.15
CA VAL A 13 0.94 -2.84 -3.09
C VAL A 13 -0.32 -2.14 -3.55
N CYS A 14 -0.44 -0.87 -3.20
CA CYS A 14 -1.55 -0.05 -3.66
C CYS A 14 -1.45 0.14 -5.16
N PRO A 15 -2.49 -0.26 -5.91
CA PRO A 15 -2.46 -0.32 -7.38
C PRO A 15 -2.28 1.04 -8.02
N ASN A 16 -2.74 2.06 -7.32
CA ASN A 16 -2.79 3.40 -7.85
C ASN A 16 -1.49 4.17 -7.58
N CYS A 17 -0.81 3.83 -6.51
CA CYS A 17 0.39 4.57 -6.11
C CYS A 17 1.67 3.74 -6.23
N GLY A 18 1.51 2.42 -6.28
CA GLY A 18 2.67 1.55 -6.35
C GLY A 18 3.38 1.42 -5.03
N LYS A 19 2.69 1.84 -3.97
CA LYS A 19 3.26 1.85 -2.62
C LYS A 19 3.13 0.47 -1.99
N ILE A 20 4.24 -0.11 -1.55
CA ILE A 20 4.24 -1.43 -0.94
C ILE A 20 4.35 -1.33 0.58
N PHE A 21 3.45 -2.00 1.28
CA PHE A 21 3.42 -2.01 2.72
C PHE A 21 3.64 -3.42 3.24
N ARG A 22 4.25 -3.53 4.40
CA ARG A 22 4.49 -4.82 5.00
C ARG A 22 3.45 -5.13 6.07
N TRP A 23 2.64 -4.12 6.38
CA TRP A 23 1.63 -4.25 7.43
C TRP A 23 0.28 -3.78 6.90
N ARG A 24 -0.79 -4.36 7.43
CA ARG A 24 -2.13 -4.03 7.00
C ARG A 24 -2.56 -2.65 7.50
N VAL A 25 -2.18 -2.32 8.72
CA VAL A 25 -2.66 -1.09 9.37
C VAL A 25 -2.23 0.17 8.61
N ASN A 26 -0.96 0.28 8.28
CA ASN A 26 -0.45 1.43 7.54
C ASN A 26 -0.93 1.40 6.10
N PHE A 27 -1.16 0.20 5.59
CA PHE A 27 -1.72 0.02 4.25
C PHE A 27 -3.13 0.60 4.19
N ILE A 28 -3.96 0.22 5.15
CA ILE A 28 -5.32 0.73 5.23
C ILE A 28 -5.31 2.24 5.45
N ARG A 29 -4.35 2.70 6.23
CA ARG A 29 -4.16 4.14 6.46
C ARG A 29 -3.92 4.85 5.13
N HIS A 30 -3.07 4.26 4.31
CA HIS A 30 -2.74 4.80 3.00
C HIS A 30 -3.95 4.76 2.08
N LEU A 31 -4.72 3.69 2.14
CA LEU A 31 -5.92 3.54 1.34
C LEU A 31 -6.99 4.53 1.79
N ARG A 32 -7.05 4.78 3.10
CA ARG A 32 -7.97 5.79 3.63
C ARG A 32 -7.47 7.19 3.30
N SER A 33 -6.23 7.28 2.87
CA SER A 33 -5.64 8.55 2.46
C SER A 33 -5.70 8.69 0.94
N ARG A 34 -6.72 8.08 0.33
CA ARG A 34 -6.94 8.20 -1.11
C ARG A 34 -7.35 9.62 -1.46
N ARG A 35 -6.38 10.42 -1.83
CA ARG A 35 -6.63 11.80 -2.22
C ARG A 35 -6.62 11.93 -3.73
N GLU A 36 -7.52 11.19 -4.39
CA GLU A 36 -7.58 11.21 -5.84
C GLU A 36 -8.37 12.42 -6.34
N GLN A 37 -7.81 13.59 -6.09
CA GLN A 37 -8.41 14.84 -6.51
C GLN A 37 -8.34 14.97 -8.03
N LYS A 38 -7.12 15.00 -8.54
CA LYS A 38 -6.90 15.10 -9.98
C LYS A 38 -6.74 13.71 -10.58
N PRO A 39 -7.19 13.52 -11.83
CA PRO A 39 -7.12 12.23 -12.53
C PRO A 39 -5.73 11.92 -13.07
N HIS A 40 -4.70 12.26 -12.31
CA HIS A 40 -3.30 12.05 -12.68
C HIS A 40 -2.87 12.97 -13.81
N LYS A 41 -3.51 12.84 -14.97
CA LYS A 41 -3.15 13.64 -16.13
C LYS A 41 -4.09 14.83 -16.26
N GLY A 1 12.51 -1.24 -1.10
CA GLY A 1 12.30 -0.08 -0.21
C GLY A 1 13.35 0.01 0.88
N ALA A 2 12.96 0.50 2.04
CA ALA A 2 13.86 0.60 3.18
C ALA A 2 13.61 -0.54 4.17
N MET A 3 12.46 -1.19 4.02
CA MET A 3 12.09 -2.32 4.87
C MET A 3 12.34 -3.63 4.15
N GLU A 4 13.60 -3.88 3.84
CA GLU A 4 14.00 -5.03 3.03
C GLU A 4 14.11 -6.30 3.87
N VAL A 5 13.24 -6.42 4.86
CA VAL A 5 13.20 -7.61 5.69
C VAL A 5 12.57 -8.76 4.91
N GLN A 6 13.16 -9.94 5.01
CA GLN A 6 12.65 -11.10 4.30
C GLN A 6 11.37 -11.60 4.96
N THR A 7 10.25 -11.35 4.30
CA THR A 7 8.95 -11.76 4.78
C THR A 7 7.94 -11.73 3.64
N SER A 8 7.12 -12.77 3.56
CA SER A 8 6.15 -12.90 2.49
C SER A 8 4.88 -12.11 2.81
N GLN A 9 4.83 -11.55 4.02
CA GLN A 9 3.68 -10.78 4.46
C GLN A 9 3.54 -9.49 3.66
N LYS A 10 4.68 -8.91 3.28
CA LYS A 10 4.67 -7.64 2.55
C LYS A 10 4.26 -7.83 1.10
N SER A 11 2.97 -7.99 0.88
CA SER A 11 2.45 -8.19 -0.46
C SER A 11 1.29 -7.24 -0.74
N TYR A 12 1.27 -6.12 -0.02
CA TYR A 12 0.21 -5.16 -0.20
C TYR A 12 0.73 -3.96 -0.97
N VAL A 13 0.29 -3.84 -2.22
CA VAL A 13 0.67 -2.73 -3.06
C VAL A 13 -0.54 -1.86 -3.36
N CYS A 14 -0.45 -0.57 -3.05
CA CYS A 14 -1.49 0.37 -3.43
C CYS A 14 -1.48 0.53 -4.94
N PRO A 15 -2.57 0.14 -5.62
CA PRO A 15 -2.64 0.15 -7.09
C PRO A 15 -2.54 1.56 -7.65
N ASN A 16 -2.78 2.55 -6.82
CA ASN A 16 -2.78 3.94 -7.24
C ASN A 16 -1.39 4.58 -7.11
N CYS A 17 -0.59 4.10 -6.16
CA CYS A 17 0.74 4.70 -5.94
C CYS A 17 1.88 3.74 -6.27
N GLY A 18 1.58 2.44 -6.30
CA GLY A 18 2.63 1.44 -6.48
C GLY A 18 3.40 1.22 -5.20
N LYS A 19 2.90 1.80 -4.11
CA LYS A 19 3.57 1.73 -2.82
C LYS A 19 3.31 0.38 -2.16
N ILE A 20 4.38 -0.28 -1.71
CA ILE A 20 4.25 -1.60 -1.11
C ILE A 20 4.44 -1.50 0.41
N PHE A 21 3.52 -2.13 1.15
CA PHE A 21 3.49 -2.03 2.59
C PHE A 21 3.70 -3.39 3.23
N ARG A 22 4.30 -3.39 4.40
CA ARG A 22 4.60 -4.61 5.11
C ARG A 22 3.50 -4.91 6.14
N TRP A 23 2.83 -3.86 6.58
CA TRP A 23 1.80 -3.98 7.60
C TRP A 23 0.45 -3.55 7.04
N ARG A 24 -0.61 -4.26 7.43
CA ARG A 24 -1.94 -3.99 6.91
C ARG A 24 -2.54 -2.70 7.48
N VAL A 25 -2.25 -2.40 8.74
CA VAL A 25 -2.88 -1.26 9.40
C VAL A 25 -2.48 0.05 8.75
N ASN A 26 -1.19 0.21 8.46
CA ASN A 26 -0.70 1.40 7.81
C ASN A 26 -1.06 1.39 6.32
N PHE A 27 -1.22 0.18 5.77
CA PHE A 27 -1.65 0.03 4.38
C PHE A 27 -3.05 0.59 4.18
N ILE A 28 -3.97 0.15 5.04
CA ILE A 28 -5.34 0.63 4.97
C ILE A 28 -5.39 2.13 5.26
N ARG A 29 -4.50 2.57 6.14
CA ARG A 29 -4.37 3.98 6.46
C ARG A 29 -3.99 4.79 5.21
N HIS A 30 -3.08 4.22 4.42
CA HIS A 30 -2.63 4.85 3.18
C HIS A 30 -3.72 4.82 2.11
N LEU A 31 -4.43 3.71 2.01
CA LEU A 31 -5.52 3.57 1.05
C LEU A 31 -6.67 4.50 1.41
N ARG A 32 -6.93 4.65 2.70
CA ARG A 32 -7.96 5.56 3.19
C ARG A 32 -7.57 7.01 2.93
N SER A 33 -6.26 7.24 2.80
CA SER A 33 -5.73 8.59 2.59
C SER A 33 -5.86 9.01 1.14
N ARG A 34 -6.61 8.24 0.35
CA ARG A 34 -6.93 8.61 -1.02
C ARG A 34 -7.99 9.71 -1.02
N ARG A 35 -8.53 9.96 0.16
CA ARG A 35 -9.55 10.98 0.37
C ARG A 35 -8.99 12.38 0.13
N GLU A 36 -7.68 12.52 0.25
CA GLU A 36 -7.04 13.82 0.18
C GLU A 36 -6.17 13.95 -1.06
N GLN A 37 -6.51 13.22 -2.11
CA GLN A 37 -5.72 13.24 -3.34
C GLN A 37 -6.36 14.18 -4.37
N LYS A 38 -5.62 14.43 -5.44
CA LYS A 38 -6.11 15.22 -6.55
C LYS A 38 -5.73 14.58 -7.88
N PRO A 39 -6.69 13.90 -8.51
CA PRO A 39 -6.49 13.21 -9.80
C PRO A 39 -5.77 14.08 -10.83
N HIS A 40 -6.18 15.33 -10.93
CA HIS A 40 -5.51 16.28 -11.82
C HIS A 40 -5.76 17.71 -11.36
N LYS A 41 -7.02 18.13 -11.44
CA LYS A 41 -7.44 19.47 -11.04
C LYS A 41 -6.78 20.53 -11.93
N GLY A 1 12.16 -22.32 -5.61
CA GLY A 1 12.99 -21.86 -4.47
C GLY A 1 12.16 -21.24 -3.37
N ALA A 2 12.81 -20.67 -2.38
CA ALA A 2 12.11 -20.02 -1.27
C ALA A 2 12.88 -18.82 -0.78
N MET A 3 12.24 -17.66 -0.77
CA MET A 3 12.87 -16.43 -0.30
C MET A 3 11.81 -15.37 -0.01
N GLU A 4 12.25 -14.23 0.48
CA GLU A 4 11.34 -13.15 0.83
C GLU A 4 10.80 -12.46 -0.42
N VAL A 5 9.99 -11.41 -0.20
CA VAL A 5 9.38 -10.65 -1.28
C VAL A 5 8.23 -11.42 -1.95
N GLN A 6 8.56 -12.58 -2.52
CA GLN A 6 7.57 -13.39 -3.23
C GLN A 6 6.91 -14.38 -2.27
N THR A 7 7.20 -14.26 -1.00
CA THR A 7 6.69 -15.19 0.00
C THR A 7 5.16 -15.22 0.04
N SER A 8 4.56 -14.11 -0.41
CA SER A 8 3.11 -13.97 -0.49
C SER A 8 2.49 -13.97 0.90
N GLN A 9 3.27 -13.56 1.88
CA GLN A 9 2.81 -13.53 3.26
C GLN A 9 1.88 -12.34 3.47
N LYS A 10 2.40 -11.14 3.22
CA LYS A 10 1.61 -9.93 3.32
C LYS A 10 2.29 -8.77 2.59
N SER A 11 2.38 -8.93 1.28
CA SER A 11 2.93 -7.88 0.43
C SER A 11 1.79 -7.04 -0.14
N TYR A 12 1.56 -5.88 0.45
CA TYR A 12 0.48 -5.02 0.02
C TYR A 12 0.98 -3.96 -0.95
N VAL A 13 0.60 -4.08 -2.20
CA VAL A 13 0.93 -3.06 -3.19
C VAL A 13 -0.31 -2.29 -3.57
N CYS A 14 -0.31 -0.99 -3.35
CA CYS A 14 -1.39 -0.15 -3.80
C CYS A 14 -1.29 0.02 -5.32
N PRO A 15 -2.32 -0.42 -6.05
CA PRO A 15 -2.28 -0.50 -7.52
C PRO A 15 -2.10 0.86 -8.18
N ASN A 16 -2.54 1.90 -7.51
CA ASN A 16 -2.51 3.23 -8.08
C ASN A 16 -1.20 3.96 -7.78
N CYS A 17 -0.72 3.83 -6.55
CA CYS A 17 0.43 4.60 -6.11
C CYS A 17 1.74 3.82 -6.21
N GLY A 18 1.62 2.49 -6.36
CA GLY A 18 2.81 1.66 -6.43
C GLY A 18 3.47 1.50 -5.06
N LYS A 19 2.72 1.83 -4.03
CA LYS A 19 3.23 1.83 -2.67
C LYS A 19 3.17 0.43 -2.08
N ILE A 20 4.30 -0.06 -1.58
CA ILE A 20 4.37 -1.40 -1.01
C ILE A 20 4.45 -1.35 0.52
N PHE A 21 3.48 -1.97 1.17
CA PHE A 21 3.42 -1.99 2.61
C PHE A 21 3.58 -3.41 3.10
N ARG A 22 4.16 -3.54 4.29
CA ARG A 22 4.37 -4.85 4.87
C ARG A 22 3.36 -5.11 5.97
N TRP A 23 2.64 -4.06 6.38
CA TRP A 23 1.66 -4.16 7.44
C TRP A 23 0.32 -3.63 6.96
N ARG A 24 -0.74 -4.28 7.40
CA ARG A 24 -2.09 -3.95 6.96
C ARG A 24 -2.59 -2.63 7.56
N VAL A 25 -2.20 -2.35 8.80
CA VAL A 25 -2.70 -1.17 9.50
C VAL A 25 -2.32 0.13 8.79
N ASN A 26 -1.05 0.25 8.44
CA ASN A 26 -0.57 1.44 7.73
C ASN A 26 -1.00 1.41 6.27
N PHE A 27 -1.16 0.21 5.73
CA PHE A 27 -1.71 0.05 4.37
C PHE A 27 -3.11 0.63 4.28
N ILE A 28 -3.96 0.26 5.22
CA ILE A 28 -5.33 0.77 5.26
C ILE A 28 -5.32 2.28 5.49
N ARG A 29 -4.34 2.74 6.27
CA ARG A 29 -4.17 4.17 6.51
C ARG A 29 -3.95 4.90 5.18
N HIS A 30 -3.08 4.31 4.35
CA HIS A 30 -2.82 4.84 3.01
C HIS A 30 -4.08 4.79 2.16
N LEU A 31 -4.76 3.65 2.20
CA LEU A 31 -5.97 3.44 1.42
C LEU A 31 -7.11 4.37 1.85
N ARG A 32 -7.07 4.84 3.10
CA ARG A 32 -8.06 5.81 3.56
C ARG A 32 -8.02 7.06 2.70
N SER A 33 -6.83 7.47 2.30
CA SER A 33 -6.65 8.62 1.42
C SER A 33 -6.51 8.15 -0.04
N ARG A 34 -6.09 6.89 -0.18
CA ARG A 34 -5.88 6.25 -1.48
C ARG A 34 -4.66 6.82 -2.19
N ARG A 35 -4.85 7.96 -2.83
CA ARG A 35 -3.85 8.55 -3.69
C ARG A 35 -3.12 9.69 -2.99
N GLU A 36 -1.80 9.65 -3.03
CA GLU A 36 -0.97 10.62 -2.33
C GLU A 36 -0.77 11.86 -3.18
N GLN A 37 -0.52 11.65 -4.47
CA GLN A 37 -0.24 12.76 -5.37
C GLN A 37 -1.29 12.82 -6.45
N LYS A 38 -1.68 14.04 -6.78
CA LYS A 38 -2.67 14.27 -7.82
C LYS A 38 -1.97 14.62 -9.14
N PRO A 39 -0.93 15.48 -9.13
CA PRO A 39 -0.13 15.73 -10.33
C PRO A 39 0.72 14.52 -10.70
N HIS A 40 0.94 14.33 -12.00
CA HIS A 40 1.76 13.22 -12.48
C HIS A 40 3.25 13.56 -12.36
N LYS A 41 3.68 13.82 -11.13
CA LYS A 41 5.06 14.18 -10.86
C LYS A 41 5.95 12.95 -10.94
N GLY A 1 -12.11 -0.49 -11.91
CA GLY A 1 -11.43 -0.61 -10.59
C GLY A 1 -10.57 -1.86 -10.51
N ALA A 2 -11.24 -3.02 -10.61
CA ALA A 2 -10.56 -4.32 -10.59
C ALA A 2 -9.83 -4.55 -9.28
N MET A 3 -10.61 -4.68 -8.20
CA MET A 3 -10.04 -4.95 -6.88
C MET A 3 -9.77 -6.44 -6.73
N GLU A 4 -8.52 -6.83 -6.95
CA GLU A 4 -8.14 -8.23 -6.90
C GLU A 4 -7.93 -8.69 -5.45
N VAL A 5 -8.07 -9.99 -5.23
CA VAL A 5 -7.91 -10.59 -3.90
C VAL A 5 -6.46 -10.49 -3.44
N GLN A 6 -6.28 -10.41 -2.13
CA GLN A 6 -4.96 -10.31 -1.54
C GLN A 6 -4.39 -11.70 -1.28
N THR A 7 -3.34 -12.04 -2.02
CA THR A 7 -2.69 -13.32 -1.86
C THR A 7 -1.23 -13.15 -1.45
N SER A 8 -0.84 -11.90 -1.23
CA SER A 8 0.50 -11.58 -0.76
C SER A 8 0.49 -11.43 0.75
N GLN A 9 1.49 -12.03 1.39
CA GLN A 9 1.52 -12.15 2.84
C GLN A 9 1.87 -10.83 3.51
N LYS A 10 3.02 -10.25 3.15
CA LYS A 10 3.46 -9.02 3.78
C LYS A 10 3.99 -8.04 2.73
N SER A 11 3.38 -8.09 1.56
CA SER A 11 3.70 -7.16 0.49
C SER A 11 2.41 -6.58 -0.08
N TYR A 12 1.93 -5.52 0.54
CA TYR A 12 0.67 -4.91 0.15
C TYR A 12 0.93 -3.74 -0.78
N VAL A 13 0.35 -3.79 -1.96
CA VAL A 13 0.59 -2.75 -2.96
C VAL A 13 -0.64 -1.88 -3.14
N CYS A 14 -0.48 -0.57 -2.96
CA CYS A 14 -1.55 0.37 -3.25
C CYS A 14 -1.73 0.49 -4.76
N PRO A 15 -2.91 0.13 -5.28
CA PRO A 15 -3.19 0.17 -6.72
C PRO A 15 -3.07 1.57 -7.30
N ASN A 16 -3.13 2.57 -6.43
CA ASN A 16 -3.11 3.95 -6.86
C ASN A 16 -1.69 4.51 -6.92
N CYS A 17 -0.80 3.98 -6.10
CA CYS A 17 0.55 4.56 -5.99
C CYS A 17 1.65 3.56 -6.33
N GLY A 18 1.35 2.27 -6.28
CA GLY A 18 2.36 1.25 -6.45
C GLY A 18 3.21 1.10 -5.19
N LYS A 19 2.71 1.66 -4.09
CA LYS A 19 3.41 1.68 -2.82
C LYS A 19 3.31 0.32 -2.14
N ILE A 20 4.42 -0.18 -1.61
CA ILE A 20 4.41 -1.48 -0.93
C ILE A 20 4.51 -1.32 0.58
N PHE A 21 3.60 -1.97 1.28
CA PHE A 21 3.57 -1.95 2.73
C PHE A 21 3.76 -3.35 3.27
N ARG A 22 4.35 -3.46 4.46
CA ARG A 22 4.57 -4.75 5.08
C ARG A 22 3.45 -5.06 6.06
N TRP A 23 2.77 -4.02 6.52
CA TRP A 23 1.70 -4.17 7.49
C TRP A 23 0.38 -3.66 6.90
N ARG A 24 -0.70 -4.34 7.24
CA ARG A 24 -2.01 -4.02 6.69
C ARG A 24 -2.56 -2.73 7.26
N VAL A 25 -2.28 -2.46 8.54
CA VAL A 25 -2.85 -1.31 9.23
C VAL A 25 -2.45 0.02 8.59
N ASN A 26 -1.16 0.19 8.35
CA ASN A 26 -0.67 1.40 7.69
C ASN A 26 -1.04 1.40 6.22
N PHE A 27 -1.13 0.21 5.63
CA PHE A 27 -1.59 0.06 4.26
C PHE A 27 -3.00 0.62 4.10
N ILE A 28 -3.91 0.20 4.97
CA ILE A 28 -5.29 0.68 4.92
C ILE A 28 -5.35 2.17 5.22
N ARG A 29 -4.47 2.62 6.11
CA ARG A 29 -4.37 4.03 6.45
C ARG A 29 -3.99 4.85 5.22
N HIS A 30 -3.05 4.32 4.44
CA HIS A 30 -2.61 4.95 3.20
C HIS A 30 -3.70 4.86 2.13
N LEU A 31 -4.46 3.78 2.15
CA LEU A 31 -5.58 3.64 1.23
C LEU A 31 -6.73 4.58 1.59
N ARG A 32 -6.85 4.86 2.89
CA ARG A 32 -7.87 5.78 3.37
C ARG A 32 -7.54 7.22 3.02
N SER A 33 -6.31 7.46 2.58
CA SER A 33 -5.90 8.78 2.17
C SER A 33 -6.73 9.24 0.97
N ARG A 34 -7.10 8.29 0.13
CA ARG A 34 -7.93 8.60 -1.03
C ARG A 34 -9.36 8.14 -0.81
N ARG A 35 -10.17 9.00 -0.21
CA ARG A 35 -11.58 8.73 -0.01
C ARG A 35 -12.34 9.07 -1.30
N GLU A 36 -11.71 8.76 -2.43
CA GLU A 36 -12.30 8.98 -3.74
C GLU A 36 -13.33 7.91 -4.03
N GLN A 37 -13.25 6.83 -3.27
CA GLN A 37 -14.14 5.69 -3.42
C GLN A 37 -15.57 6.10 -3.08
N LYS A 38 -16.53 5.40 -3.65
CA LYS A 38 -17.92 5.66 -3.37
C LYS A 38 -18.31 4.96 -2.08
N PRO A 39 -19.04 5.64 -1.19
CA PRO A 39 -19.41 5.09 0.11
C PRO A 39 -20.53 4.06 0.03
N HIS A 40 -20.28 2.97 -0.69
CA HIS A 40 -21.24 1.88 -0.80
C HIS A 40 -21.28 1.11 0.51
N LYS A 41 -20.26 1.32 1.33
CA LYS A 41 -20.18 0.72 2.65
C LYS A 41 -19.24 1.54 3.51
N GLY A 1 13.35 0.80 -3.61
CA GLY A 1 12.82 -0.16 -2.62
C GLY A 1 13.91 -0.78 -1.78
N ALA A 2 13.69 -0.87 -0.48
CA ALA A 2 14.68 -1.44 0.42
C ALA A 2 14.01 -2.38 1.42
N MET A 3 12.89 -2.95 1.01
CA MET A 3 12.16 -3.89 1.85
C MET A 3 12.60 -5.31 1.53
N GLU A 4 13.87 -5.59 1.80
CA GLU A 4 14.47 -6.86 1.43
C GLU A 4 14.36 -7.89 2.55
N VAL A 5 13.42 -7.65 3.46
CA VAL A 5 13.14 -8.58 4.54
C VAL A 5 12.43 -9.81 4.00
N GLN A 6 12.94 -10.98 4.31
CA GLN A 6 12.35 -12.22 3.83
C GLN A 6 11.03 -12.51 4.52
N THR A 7 9.94 -12.23 3.82
CA THR A 7 8.61 -12.44 4.37
C THR A 7 7.57 -12.37 3.25
N SER A 8 6.52 -13.17 3.37
CA SER A 8 5.47 -13.22 2.36
C SER A 8 4.27 -12.39 2.80
N GLN A 9 4.42 -11.68 3.90
CA GLN A 9 3.36 -10.84 4.43
C GLN A 9 3.31 -9.51 3.67
N LYS A 10 4.46 -9.09 3.16
CA LYS A 10 4.58 -7.82 2.45
C LYS A 10 3.99 -7.91 1.04
N SER A 11 2.71 -8.19 0.98
CA SER A 11 2.05 -8.41 -0.30
C SER A 11 0.96 -7.38 -0.52
N TYR A 12 1.12 -6.21 0.07
CA TYR A 12 0.12 -5.17 -0.07
C TYR A 12 0.66 -4.04 -0.94
N VAL A 13 0.15 -3.96 -2.16
CA VAL A 13 0.55 -2.89 -3.08
C VAL A 13 -0.61 -1.94 -3.36
N CYS A 14 -0.39 -0.66 -3.16
CA CYS A 14 -1.37 0.34 -3.58
C CYS A 14 -1.27 0.53 -5.09
N PRO A 15 -2.35 0.23 -5.83
CA PRO A 15 -2.33 0.26 -7.30
C PRO A 15 -2.16 1.65 -7.86
N ASN A 16 -2.44 2.65 -7.04
CA ASN A 16 -2.40 4.04 -7.47
C ASN A 16 -1.01 4.65 -7.26
N CYS A 17 -0.37 4.31 -6.14
CA CYS A 17 0.92 4.91 -5.82
C CYS A 17 2.09 3.99 -6.18
N GLY A 18 1.79 2.70 -6.32
CA GLY A 18 2.83 1.72 -6.52
C GLY A 18 3.57 1.42 -5.24
N LYS A 19 2.97 1.83 -4.12
CA LYS A 19 3.59 1.69 -2.81
C LYS A 19 3.32 0.32 -2.23
N ILE A 20 4.37 -0.34 -1.76
CA ILE A 20 4.22 -1.62 -1.10
C ILE A 20 4.36 -1.44 0.41
N PHE A 21 3.46 -2.06 1.16
CA PHE A 21 3.46 -1.99 2.61
C PHE A 21 3.65 -3.36 3.21
N ARG A 22 4.26 -3.40 4.38
CA ARG A 22 4.53 -4.65 5.05
C ARG A 22 3.45 -4.96 6.08
N TRP A 23 2.80 -3.92 6.58
CA TRP A 23 1.75 -4.07 7.58
C TRP A 23 0.41 -3.60 7.03
N ARG A 24 -0.65 -4.26 7.46
CA ARG A 24 -2.00 -3.96 6.98
C ARG A 24 -2.51 -2.63 7.55
N VAL A 25 -2.18 -2.34 8.80
CA VAL A 25 -2.74 -1.16 9.48
C VAL A 25 -2.36 0.14 8.77
N ASN A 26 -1.08 0.30 8.46
CA ASN A 26 -0.63 1.49 7.75
C ASN A 26 -1.07 1.43 6.29
N PHE A 27 -1.15 0.22 5.75
CA PHE A 27 -1.63 0.03 4.38
C PHE A 27 -3.05 0.55 4.23
N ILE A 28 -3.93 0.12 5.12
CA ILE A 28 -5.33 0.54 5.08
C ILE A 28 -5.45 2.05 5.33
N ARG A 29 -4.54 2.57 6.15
CA ARG A 29 -4.48 4.00 6.41
C ARG A 29 -4.13 4.75 5.13
N HIS A 30 -3.11 4.28 4.44
CA HIS A 30 -2.68 4.86 3.17
C HIS A 30 -3.75 4.66 2.09
N LEU A 31 -4.44 3.54 2.15
CA LEU A 31 -5.48 3.22 1.17
C LEU A 31 -6.73 4.07 1.36
N ARG A 32 -6.94 4.58 2.57
CA ARG A 32 -8.08 5.46 2.82
C ARG A 32 -7.88 6.80 2.12
N SER A 33 -6.64 7.08 1.75
CA SER A 33 -6.28 8.33 1.11
C SER A 33 -6.65 8.30 -0.39
N ARG A 34 -7.46 7.31 -0.79
CA ARG A 34 -7.89 7.18 -2.17
C ARG A 34 -8.87 8.28 -2.56
N ARG A 35 -9.39 8.98 -1.56
CA ARG A 35 -10.30 10.09 -1.81
C ARG A 35 -9.51 11.32 -2.28
N GLU A 36 -8.20 11.27 -2.10
CA GLU A 36 -7.33 12.38 -2.46
C GLU A 36 -6.57 12.08 -3.75
N GLN A 37 -7.12 11.18 -4.56
CA GLN A 37 -6.51 10.82 -5.83
C GLN A 37 -7.06 11.70 -6.96
N LYS A 38 -6.40 11.65 -8.10
CA LYS A 38 -6.82 12.44 -9.25
C LYS A 38 -6.70 11.63 -10.54
N PRO A 39 -7.86 11.24 -11.13
CA PRO A 39 -7.90 10.45 -12.37
C PRO A 39 -7.14 11.14 -13.50
N HIS A 40 -7.27 12.45 -13.59
CA HIS A 40 -6.54 13.23 -14.59
C HIS A 40 -6.46 14.68 -14.17
N LYS A 41 -7.64 15.28 -13.97
CA LYS A 41 -7.75 16.70 -13.58
C LYS A 41 -7.22 17.60 -14.70
N GLY A 1 24.06 0.00 1.75
CA GLY A 1 22.69 0.22 2.29
C GLY A 1 22.02 -1.07 2.68
N ALA A 2 21.21 -1.02 3.72
CA ALA A 2 20.53 -2.21 4.23
C ALA A 2 19.09 -2.24 3.76
N MET A 3 18.86 -2.80 2.57
CA MET A 3 17.53 -2.88 2.01
C MET A 3 17.20 -4.32 1.66
N GLU A 4 16.35 -4.94 2.48
CA GLU A 4 15.93 -6.31 2.28
C GLU A 4 14.63 -6.57 3.05
N VAL A 5 13.50 -6.47 2.36
CA VAL A 5 12.21 -6.66 3.00
C VAL A 5 11.99 -8.14 3.29
N GLN A 6 12.06 -8.48 4.57
CA GLN A 6 11.98 -9.87 5.01
C GLN A 6 10.53 -10.36 5.07
N THR A 7 10.04 -10.82 3.92
CA THR A 7 8.71 -11.39 3.85
C THR A 7 8.51 -12.10 2.51
N SER A 8 7.56 -13.00 2.46
CA SER A 8 7.30 -13.77 1.25
C SER A 8 5.93 -13.44 0.67
N GLN A 9 5.00 -13.01 1.52
CA GLN A 9 3.63 -12.74 1.06
C GLN A 9 3.13 -11.38 1.54
N LYS A 10 3.79 -10.79 2.52
CA LYS A 10 3.34 -9.51 3.07
C LYS A 10 3.88 -8.35 2.24
N SER A 11 3.37 -8.24 1.02
CA SER A 11 3.72 -7.15 0.14
C SER A 11 2.44 -6.50 -0.41
N TYR A 12 1.84 -5.67 0.42
CA TYR A 12 0.59 -5.02 0.08
C TYR A 12 0.85 -3.80 -0.78
N VAL A 13 0.42 -3.83 -2.02
CA VAL A 13 0.67 -2.71 -2.93
C VAL A 13 -0.61 -1.94 -3.23
N CYS A 14 -0.57 -0.63 -2.99
CA CYS A 14 -1.65 0.26 -3.39
C CYS A 14 -1.57 0.45 -4.90
N PRO A 15 -2.62 0.04 -5.64
CA PRO A 15 -2.57 -0.04 -7.10
C PRO A 15 -2.45 1.32 -7.78
N ASN A 16 -2.83 2.36 -7.07
CA ASN A 16 -2.82 3.71 -7.64
C ASN A 16 -1.45 4.35 -7.49
N CYS A 17 -0.78 4.10 -6.37
CA CYS A 17 0.47 4.80 -6.06
C CYS A 17 1.69 3.89 -6.26
N GLY A 18 1.46 2.58 -6.25
CA GLY A 18 2.57 1.64 -6.39
C GLY A 18 3.31 1.47 -5.08
N LYS A 19 2.68 1.88 -4.00
CA LYS A 19 3.30 1.86 -2.67
C LYS A 19 3.15 0.47 -2.06
N ILE A 20 4.25 -0.08 -1.56
CA ILE A 20 4.24 -1.42 -0.96
C ILE A 20 4.37 -1.35 0.56
N PHE A 21 3.46 -2.01 1.26
CA PHE A 21 3.44 -2.03 2.70
C PHE A 21 3.63 -3.45 3.20
N ARG A 22 4.23 -3.57 4.37
CA ARG A 22 4.46 -4.87 4.96
C ARG A 22 3.40 -5.16 6.03
N TRP A 23 2.72 -4.11 6.47
CA TRP A 23 1.72 -4.23 7.52
C TRP A 23 0.38 -3.71 7.02
N ARG A 24 -0.69 -4.33 7.49
CA ARG A 24 -2.04 -4.00 7.04
C ARG A 24 -2.52 -2.65 7.57
N VAL A 25 -2.20 -2.34 8.83
CA VAL A 25 -2.74 -1.14 9.47
C VAL A 25 -2.34 0.14 8.72
N ASN A 26 -1.06 0.28 8.43
CA ASN A 26 -0.56 1.44 7.70
C ASN A 26 -0.98 1.37 6.24
N PHE A 27 -1.13 0.15 5.73
CA PHE A 27 -1.59 -0.07 4.35
C PHE A 27 -2.98 0.51 4.15
N ILE A 28 -3.90 0.15 5.04
CA ILE A 28 -5.28 0.61 4.95
C ILE A 28 -5.34 2.13 5.13
N ARG A 29 -4.44 2.65 5.96
CA ARG A 29 -4.34 4.08 6.18
C ARG A 29 -3.96 4.79 4.89
N HIS A 30 -2.96 4.24 4.19
CA HIS A 30 -2.52 4.81 2.91
C HIS A 30 -3.54 4.55 1.81
N LEU A 31 -4.32 3.48 1.92
CA LEU A 31 -5.34 3.18 0.93
C LEU A 31 -6.40 4.28 0.89
N ARG A 32 -6.53 5.03 1.97
CA ARG A 32 -7.34 6.24 1.97
C ARG A 32 -6.77 7.22 0.93
N SER A 33 -5.48 7.08 0.67
CA SER A 33 -4.81 7.81 -0.39
C SER A 33 -4.71 6.96 -1.65
N ARG A 34 -5.85 6.82 -2.30
CA ARG A 34 -5.94 6.21 -3.61
C ARG A 34 -6.48 7.25 -4.57
N ARG A 35 -7.62 7.83 -4.18
CA ARG A 35 -8.25 8.93 -4.90
C ARG A 35 -9.20 9.67 -3.98
N GLU A 36 -8.69 10.22 -2.88
CA GLU A 36 -9.54 10.91 -1.93
C GLU A 36 -9.73 12.37 -2.36
N GLN A 37 -8.63 13.01 -2.73
CA GLN A 37 -8.65 14.41 -3.17
C GLN A 37 -7.58 14.61 -4.23
N LYS A 38 -6.33 14.57 -3.82
CA LYS A 38 -5.20 14.72 -4.72
C LYS A 38 -4.31 13.49 -4.64
N PRO A 39 -4.04 12.86 -5.80
CA PRO A 39 -3.22 11.64 -5.88
C PRO A 39 -1.87 11.80 -5.18
N HIS A 40 -1.67 11.02 -4.13
CA HIS A 40 -0.44 11.06 -3.36
C HIS A 40 0.56 10.04 -3.86
N LYS A 41 1.01 10.22 -5.09
CA LYS A 41 2.00 9.34 -5.68
C LYS A 41 3.25 10.14 -6.04
N GLY A 1 17.68 -1.97 1.48
CA GLY A 1 16.44 -1.36 2.03
C GLY A 1 15.93 -2.12 3.23
N ALA A 2 14.82 -1.66 3.81
CA ALA A 2 14.26 -2.27 5.00
C ALA A 2 13.00 -3.05 4.67
N MET A 3 12.60 -3.03 3.42
CA MET A 3 11.40 -3.74 2.98
C MET A 3 11.72 -5.18 2.59
N GLU A 4 13.00 -5.48 2.45
CA GLU A 4 13.43 -6.84 2.11
C GLU A 4 13.41 -7.75 3.34
N VAL A 5 12.25 -7.85 3.96
CA VAL A 5 12.05 -8.74 5.09
C VAL A 5 11.67 -10.12 4.59
N GLN A 6 12.41 -11.13 5.04
CA GLN A 6 12.17 -12.50 4.59
C GLN A 6 10.88 -13.05 5.21
N THR A 7 9.77 -12.83 4.51
CA THR A 7 8.48 -13.29 4.98
C THR A 7 7.46 -13.20 3.85
N SER A 8 6.49 -14.10 3.86
CA SER A 8 5.40 -14.05 2.90
C SER A 8 4.26 -13.24 3.50
N GLN A 9 4.41 -11.92 3.49
CA GLN A 9 3.45 -11.02 4.11
C GLN A 9 3.34 -9.71 3.35
N LYS A 10 4.47 -9.17 2.93
CA LYS A 10 4.49 -7.87 2.26
C LYS A 10 3.96 -7.96 0.83
N SER A 11 2.67 -8.18 0.71
CA SER A 11 2.05 -8.37 -0.59
C SER A 11 1.06 -7.25 -0.88
N TYR A 12 1.12 -6.18 -0.09
CA TYR A 12 0.15 -5.10 -0.23
C TYR A 12 0.73 -3.97 -1.07
N VAL A 13 0.21 -3.83 -2.28
CA VAL A 13 0.59 -2.74 -3.16
C VAL A 13 -0.57 -1.79 -3.37
N CYS A 14 -0.37 -0.51 -3.13
CA CYS A 14 -1.37 0.49 -3.48
C CYS A 14 -1.42 0.64 -5.00
N PRO A 15 -2.57 0.35 -5.62
CA PRO A 15 -2.70 0.36 -7.09
C PRO A 15 -2.47 1.75 -7.68
N ASN A 16 -2.60 2.77 -6.84
CA ASN A 16 -2.46 4.13 -7.30
C ASN A 16 -1.02 4.62 -7.19
N CYS A 17 -0.35 4.31 -6.09
CA CYS A 17 1.00 4.84 -5.85
C CYS A 17 2.08 3.83 -6.23
N GLY A 18 1.72 2.56 -6.30
CA GLY A 18 2.71 1.51 -6.48
C GLY A 18 3.47 1.25 -5.22
N LYS A 19 2.92 1.75 -4.11
CA LYS A 19 3.57 1.68 -2.81
C LYS A 19 3.34 0.30 -2.19
N ILE A 20 4.42 -0.32 -1.72
CA ILE A 20 4.33 -1.65 -1.14
C ILE A 20 4.48 -1.57 0.38
N PHE A 21 3.55 -2.18 1.09
CA PHE A 21 3.49 -2.09 2.53
C PHE A 21 3.68 -3.46 3.17
N ARG A 22 4.26 -3.44 4.36
CA ARG A 22 4.51 -4.66 5.08
C ARG A 22 3.41 -4.93 6.09
N TRP A 23 2.83 -3.87 6.63
CA TRP A 23 1.77 -3.99 7.63
C TRP A 23 0.43 -3.55 7.05
N ARG A 24 -0.61 -4.25 7.46
CA ARG A 24 -1.97 -3.96 7.00
C ARG A 24 -2.50 -2.67 7.60
N VAL A 25 -2.13 -2.39 8.84
CA VAL A 25 -2.69 -1.26 9.56
C VAL A 25 -2.37 0.08 8.87
N ASN A 26 -1.09 0.28 8.54
CA ASN A 26 -0.68 1.49 7.85
C ASN A 26 -1.11 1.46 6.39
N PHE A 27 -1.18 0.26 5.82
CA PHE A 27 -1.62 0.09 4.44
C PHE A 27 -3.05 0.59 4.25
N ILE A 28 -3.96 0.13 5.10
CA ILE A 28 -5.35 0.53 5.02
C ILE A 28 -5.48 2.04 5.25
N ARG A 29 -4.60 2.58 6.09
CA ARG A 29 -4.58 4.02 6.35
C ARG A 29 -4.14 4.77 5.10
N HIS A 30 -3.16 4.21 4.39
CA HIS A 30 -2.67 4.79 3.15
C HIS A 30 -3.75 4.75 2.08
N LEU A 31 -4.50 3.66 2.04
CA LEU A 31 -5.60 3.52 1.09
C LEU A 31 -6.74 4.47 1.43
N ARG A 32 -6.83 4.85 2.70
CA ARG A 32 -7.80 5.85 3.13
C ARG A 32 -7.45 7.21 2.56
N SER A 33 -6.17 7.40 2.28
CA SER A 33 -5.66 8.69 1.80
C SER A 33 -6.01 8.91 0.32
N ARG A 34 -6.73 7.96 -0.27
CA ARG A 34 -7.22 8.12 -1.64
C ARG A 34 -8.30 9.19 -1.68
N ARG A 35 -8.90 9.44 -0.52
CA ARG A 35 -9.92 10.47 -0.39
C ARG A 35 -9.26 11.84 -0.21
N GLU A 36 -7.94 11.83 -0.05
CA GLU A 36 -7.18 13.06 0.11
C GLU A 36 -6.48 13.41 -1.20
N GLN A 37 -6.94 12.79 -2.27
CA GLN A 37 -6.34 12.99 -3.58
C GLN A 37 -7.27 13.76 -4.50
N LYS A 38 -6.72 14.27 -5.59
CA LYS A 38 -7.51 14.97 -6.58
C LYS A 38 -7.84 14.04 -7.74
N PRO A 39 -9.13 13.99 -8.15
CA PRO A 39 -9.61 13.03 -9.17
C PRO A 39 -8.71 12.97 -10.41
N HIS A 40 -8.61 14.09 -11.12
CA HIS A 40 -7.80 14.14 -12.32
C HIS A 40 -7.46 15.59 -12.66
N LYS A 41 -8.50 16.40 -12.85
CA LYS A 41 -8.35 17.78 -13.29
C LYS A 41 -7.74 17.81 -14.70
N GLY A 1 17.61 -16.88 -2.89
CA GLY A 1 17.05 -16.85 -1.52
C GLY A 1 17.39 -18.09 -0.74
N ALA A 2 18.67 -18.30 -0.47
CA ALA A 2 19.12 -19.46 0.27
C ALA A 2 19.07 -19.18 1.76
N MET A 3 18.25 -19.95 2.49
CA MET A 3 18.07 -19.82 3.94
C MET A 3 17.26 -18.57 4.28
N GLU A 4 17.59 -17.47 3.64
CA GLU A 4 16.88 -16.21 3.84
C GLU A 4 16.43 -15.65 2.50
N VAL A 5 15.23 -15.08 2.48
CA VAL A 5 14.66 -14.55 1.25
C VAL A 5 14.48 -13.04 1.36
N GLN A 6 14.37 -12.37 0.22
CA GLN A 6 14.24 -10.92 0.19
C GLN A 6 12.79 -10.49 0.28
N THR A 7 12.05 -11.15 1.15
CA THR A 7 10.65 -10.85 1.38
C THR A 7 10.20 -11.43 2.72
N SER A 8 9.30 -10.73 3.38
CA SER A 8 8.76 -11.18 4.66
C SER A 8 7.78 -12.33 4.46
N GLN A 9 6.70 -12.06 3.72
CA GLN A 9 5.70 -13.08 3.39
C GLN A 9 4.72 -12.56 2.35
N LYS A 10 4.24 -11.34 2.55
CA LYS A 10 3.29 -10.74 1.62
C LYS A 10 3.38 -9.22 1.65
N SER A 11 3.50 -8.63 0.48
CA SER A 11 3.59 -7.19 0.36
C SER A 11 2.24 -6.63 -0.08
N TYR A 12 1.88 -5.49 0.48
CA TYR A 12 0.62 -4.85 0.16
C TYR A 12 0.86 -3.72 -0.84
N VAL A 13 0.28 -3.84 -2.02
CA VAL A 13 0.53 -2.88 -3.08
C VAL A 13 -0.67 -1.96 -3.28
N CYS A 14 -0.45 -0.66 -3.12
CA CYS A 14 -1.47 0.32 -3.48
C CYS A 14 -1.53 0.45 -4.98
N PRO A 15 -2.68 0.14 -5.59
CA PRO A 15 -2.83 0.14 -7.06
C PRO A 15 -2.70 1.53 -7.67
N ASN A 16 -2.79 2.56 -6.83
CA ASN A 16 -2.70 3.94 -7.31
C ASN A 16 -1.27 4.45 -7.30
N CYS A 17 -0.48 4.00 -6.32
CA CYS A 17 0.84 4.59 -6.10
C CYS A 17 1.98 3.61 -6.39
N GLY A 18 1.66 2.32 -6.40
CA GLY A 18 2.70 1.31 -6.50
C GLY A 18 3.44 1.18 -5.18
N LYS A 19 2.84 1.74 -4.13
CA LYS A 19 3.44 1.78 -2.82
C LYS A 19 3.26 0.44 -2.13
N ILE A 20 4.35 -0.16 -1.65
CA ILE A 20 4.27 -1.47 -1.01
C ILE A 20 4.45 -1.35 0.50
N PHE A 21 3.53 -1.95 1.23
CA PHE A 21 3.54 -1.93 2.68
C PHE A 21 3.69 -3.34 3.20
N ARG A 22 4.29 -3.48 4.36
CA ARG A 22 4.48 -4.78 4.95
C ARG A 22 3.41 -5.06 6.01
N TRP A 23 2.81 -3.99 6.53
CA TRP A 23 1.78 -4.12 7.55
C TRP A 23 0.42 -3.72 6.97
N ARG A 24 -0.62 -4.41 7.43
CA ARG A 24 -1.98 -4.16 6.95
C ARG A 24 -2.52 -2.83 7.48
N VAL A 25 -2.19 -2.49 8.73
CA VAL A 25 -2.77 -1.33 9.40
C VAL A 25 -2.37 -0.03 8.70
N ASN A 26 -1.09 0.14 8.44
CA ASN A 26 -0.60 1.35 7.79
C ASN A 26 -1.02 1.38 6.32
N PHE A 27 -1.25 0.21 5.75
CA PHE A 27 -1.69 0.08 4.37
C PHE A 27 -3.09 0.65 4.21
N ILE A 28 -4.00 0.22 5.08
CA ILE A 28 -5.38 0.69 5.05
C ILE A 28 -5.43 2.19 5.30
N ARG A 29 -4.50 2.68 6.12
CA ARG A 29 -4.35 4.11 6.38
C ARG A 29 -4.05 4.87 5.09
N HIS A 30 -3.09 4.35 4.33
CA HIS A 30 -2.67 4.95 3.07
C HIS A 30 -3.80 4.90 2.04
N LEU A 31 -4.55 3.81 2.06
CA LEU A 31 -5.67 3.62 1.13
C LEU A 31 -6.89 4.43 1.56
N ARG A 32 -6.99 4.73 2.84
CA ARG A 32 -8.10 5.52 3.36
C ARG A 32 -8.05 6.92 2.77
N SER A 33 -6.85 7.43 2.57
CA SER A 33 -6.66 8.72 1.93
C SER A 33 -6.63 8.56 0.42
N ARG A 34 -7.52 7.72 -0.09
CA ARG A 34 -7.56 7.37 -1.51
C ARG A 34 -7.71 8.62 -2.37
N ARG A 35 -7.10 8.56 -3.56
CA ARG A 35 -6.98 9.72 -4.45
C ARG A 35 -6.00 10.70 -3.82
N GLU A 36 -4.87 10.14 -3.42
CA GLU A 36 -3.77 10.90 -2.84
C GLU A 36 -3.26 11.94 -3.83
N GLN A 37 -3.03 11.48 -5.06
CA GLN A 37 -2.52 12.32 -6.15
C GLN A 37 -1.09 12.77 -5.88
N LYS A 38 -0.44 13.27 -6.91
CA LYS A 38 0.92 13.76 -6.80
C LYS A 38 0.94 15.27 -6.55
N PRO A 39 0.27 16.09 -7.40
CA PRO A 39 0.18 17.53 -7.17
C PRO A 39 -0.85 17.90 -6.10
N HIS A 40 -0.41 18.00 -4.86
CA HIS A 40 -1.31 18.28 -3.75
C HIS A 40 -1.14 19.72 -3.27
N LYS A 41 -0.71 20.60 -4.16
CA LYS A 41 -0.56 22.00 -3.83
C LYS A 41 -1.56 22.83 -4.65
N GLY A 1 11.88 -7.65 -9.00
CA GLY A 1 12.36 -8.66 -8.02
C GLY A 1 11.88 -8.36 -6.62
N ALA A 2 12.82 -8.34 -5.69
CA ALA A 2 12.51 -8.04 -4.30
C ALA A 2 13.13 -6.71 -3.88
N MET A 3 12.29 -5.68 -3.85
CA MET A 3 12.72 -4.34 -3.43
C MET A 3 13.26 -4.36 -2.01
N GLU A 4 12.49 -4.94 -1.11
CA GLU A 4 12.89 -5.04 0.28
C GLU A 4 13.16 -6.50 0.62
N VAL A 5 14.43 -6.80 0.90
CA VAL A 5 14.86 -8.16 1.18
C VAL A 5 14.17 -8.70 2.43
N GLN A 6 13.42 -9.79 2.23
CA GLN A 6 12.69 -10.46 3.31
C GLN A 6 11.74 -9.49 4.02
N THR A 7 10.77 -9.00 3.29
CA THR A 7 9.73 -8.16 3.86
C THR A 7 8.66 -9.03 4.50
N SER A 8 9.09 -9.84 5.48
CA SER A 8 8.26 -10.82 6.16
C SER A 8 7.83 -11.93 5.20
N GLN A 9 6.80 -11.66 4.39
CA GLN A 9 6.26 -12.65 3.48
C GLN A 9 5.17 -12.01 2.62
N LYS A 10 4.26 -11.31 3.28
CA LYS A 10 3.14 -10.69 2.60
C LYS A 10 3.48 -9.25 2.26
N SER A 11 2.89 -8.74 1.20
CA SER A 11 3.18 -7.40 0.74
C SER A 11 1.96 -6.79 0.05
N TYR A 12 1.55 -5.62 0.54
CA TYR A 12 0.39 -4.94 0.00
C TYR A 12 0.83 -3.82 -0.92
N VAL A 13 0.41 -3.87 -2.18
CA VAL A 13 0.77 -2.83 -3.13
C VAL A 13 -0.43 -1.96 -3.46
N CYS A 14 -0.34 -0.68 -3.13
CA CYS A 14 -1.39 0.28 -3.48
C CYS A 14 -1.35 0.52 -4.98
N PRO A 15 -2.45 0.20 -5.70
CA PRO A 15 -2.51 0.32 -7.15
C PRO A 15 -2.46 1.77 -7.61
N ASN A 16 -2.70 2.68 -6.69
CA ASN A 16 -2.73 4.10 -7.00
C ASN A 16 -1.34 4.73 -6.91
N CYS A 17 -0.48 4.14 -6.09
CA CYS A 17 0.83 4.73 -5.84
C CYS A 17 1.98 3.80 -6.22
N GLY A 18 1.69 2.51 -6.32
CA GLY A 18 2.74 1.53 -6.55
C GLY A 18 3.55 1.30 -5.28
N LYS A 19 2.99 1.74 -4.16
CA LYS A 19 3.66 1.66 -2.87
C LYS A 19 3.48 0.28 -2.25
N ILE A 20 4.55 -0.28 -1.71
CA ILE A 20 4.49 -1.61 -1.12
C ILE A 20 4.55 -1.51 0.42
N PHE A 21 3.56 -2.10 1.08
CA PHE A 21 3.48 -2.08 2.51
C PHE A 21 3.59 -3.49 3.06
N ARG A 22 4.17 -3.60 4.23
CA ARG A 22 4.32 -4.88 4.89
C ARG A 22 3.21 -5.06 5.92
N TRP A 23 2.74 -3.96 6.46
CA TRP A 23 1.76 -3.97 7.53
C TRP A 23 0.39 -3.58 7.02
N ARG A 24 -0.63 -4.23 7.56
CA ARG A 24 -2.01 -4.01 7.17
C ARG A 24 -2.52 -2.67 7.67
N VAL A 25 -2.09 -2.27 8.86
CA VAL A 25 -2.63 -1.07 9.50
C VAL A 25 -2.28 0.20 8.73
N ASN A 26 -1.01 0.35 8.38
CA ASN A 26 -0.57 1.52 7.64
C ASN A 26 -1.05 1.46 6.19
N PHE A 27 -1.25 0.25 5.68
CA PHE A 27 -1.76 0.08 4.32
C PHE A 27 -3.18 0.59 4.21
N ILE A 28 -4.03 0.16 5.13
CA ILE A 28 -5.42 0.58 5.15
C ILE A 28 -5.52 2.07 5.41
N ARG A 29 -4.64 2.58 6.26
CA ARG A 29 -4.57 4.00 6.56
C ARG A 29 -4.24 4.79 5.28
N HIS A 30 -3.27 4.28 4.55
CA HIS A 30 -2.83 4.87 3.28
C HIS A 30 -3.93 4.79 2.22
N LEU A 31 -4.69 3.70 2.24
CA LEU A 31 -5.78 3.51 1.28
C LEU A 31 -7.02 4.31 1.67
N ARG A 32 -7.26 4.45 2.96
CA ARG A 32 -8.42 5.19 3.45
C ARG A 32 -8.37 6.64 3.02
N SER A 33 -7.19 7.24 3.10
CA SER A 33 -7.02 8.62 2.69
C SER A 33 -6.98 8.74 1.17
N ARG A 34 -6.42 7.71 0.53
CA ARG A 34 -6.33 7.62 -0.93
C ARG A 34 -5.38 8.67 -1.52
N ARG A 35 -5.72 9.94 -1.36
CA ARG A 35 -4.94 11.01 -1.94
C ARG A 35 -5.16 12.30 -1.16
N GLU A 36 -6.36 12.88 -1.29
CA GLU A 36 -6.73 14.11 -0.59
C GLU A 36 -5.75 15.25 -0.89
N GLN A 37 -5.38 15.35 -2.16
CA GLN A 37 -4.47 16.40 -2.63
C GLN A 37 -4.35 16.31 -4.14
N LYS A 38 -4.36 17.45 -4.82
CA LYS A 38 -4.38 17.49 -6.28
C LYS A 38 -3.23 16.68 -6.88
N PRO A 39 -3.57 15.57 -7.58
CA PRO A 39 -2.57 14.72 -8.23
C PRO A 39 -2.05 15.33 -9.53
N HIS A 40 -2.89 16.19 -10.12
CA HIS A 40 -2.56 16.89 -11.36
C HIS A 40 -3.73 17.79 -11.73
N LYS A 41 -4.92 17.36 -11.34
CA LYS A 41 -6.14 18.10 -11.62
C LYS A 41 -7.17 17.78 -10.54
N GLY A 1 10.83 -17.54 2.54
CA GLY A 1 11.72 -16.38 2.30
C GLY A 1 10.95 -15.08 2.16
N ALA A 2 10.45 -14.84 0.96
CA ALA A 2 9.69 -13.63 0.67
C ALA A 2 8.35 -13.97 0.03
N MET A 3 8.38 -14.81 -0.99
CA MET A 3 7.17 -15.17 -1.72
C MET A 3 6.48 -16.35 -1.05
N GLU A 4 5.34 -16.08 -0.43
CA GLU A 4 4.53 -17.10 0.20
C GLU A 4 3.19 -16.53 0.62
N VAL A 5 2.16 -16.80 -0.17
CA VAL A 5 0.82 -16.30 0.06
C VAL A 5 0.82 -14.77 0.15
N GLN A 6 1.12 -14.14 -0.97
CA GLN A 6 1.19 -12.69 -1.04
C GLN A 6 0.01 -12.14 -1.83
N THR A 7 -1.12 -12.83 -1.73
CA THR A 7 -2.33 -12.46 -2.43
C THR A 7 -2.79 -11.06 -2.03
N SER A 8 -3.36 -10.95 -0.83
CA SER A 8 -3.80 -9.66 -0.33
C SER A 8 -3.53 -9.55 1.17
N GLN A 9 -2.78 -10.50 1.71
CA GLN A 9 -2.50 -10.51 3.14
C GLN A 9 -1.01 -10.31 3.41
N LYS A 10 -0.23 -10.14 2.35
CA LYS A 10 1.20 -9.94 2.48
C LYS A 10 1.72 -9.16 1.28
N SER A 11 2.75 -8.35 1.50
CA SER A 11 3.29 -7.45 0.47
C SER A 11 2.16 -6.67 -0.21
N TYR A 12 1.60 -5.73 0.54
CA TYR A 12 0.44 -4.99 0.09
C TYR A 12 0.85 -3.93 -0.92
N VAL A 13 0.22 -3.97 -2.09
CA VAL A 13 0.55 -3.04 -3.16
C VAL A 13 -0.57 -2.02 -3.34
N CYS A 14 -0.28 -0.76 -3.10
CA CYS A 14 -1.24 0.29 -3.39
C CYS A 14 -1.37 0.47 -4.90
N PRO A 15 -2.56 0.30 -5.46
CA PRO A 15 -2.78 0.48 -6.90
C PRO A 15 -2.76 1.94 -7.27
N ASN A 16 -2.84 2.74 -6.23
CA ASN A 16 -2.96 4.18 -6.34
C ASN A 16 -1.59 4.86 -6.37
N CYS A 17 -0.58 4.25 -5.74
CA CYS A 17 0.77 4.80 -5.77
C CYS A 17 1.80 3.81 -6.32
N GLY A 18 1.47 2.53 -6.30
CA GLY A 18 2.46 1.51 -6.59
C GLY A 18 3.32 1.23 -5.37
N LYS A 19 2.85 1.67 -4.21
CA LYS A 19 3.61 1.62 -2.97
C LYS A 19 3.50 0.23 -2.32
N ILE A 20 4.59 -0.22 -1.71
CA ILE A 20 4.61 -1.51 -1.03
C ILE A 20 4.58 -1.34 0.48
N PHE A 21 3.64 -2.02 1.10
CA PHE A 21 3.49 -2.00 2.55
C PHE A 21 3.71 -3.38 3.12
N ARG A 22 4.23 -3.43 4.33
CA ARG A 22 4.52 -4.69 4.97
C ARG A 22 3.48 -4.99 6.04
N TRP A 23 2.81 -3.96 6.54
CA TRP A 23 1.80 -4.13 7.57
C TRP A 23 0.42 -3.76 7.02
N ARG A 24 -0.61 -4.39 7.58
CA ARG A 24 -1.98 -4.18 7.12
C ARG A 24 -2.51 -2.80 7.50
N VAL A 25 -2.31 -2.41 8.76
CA VAL A 25 -2.95 -1.22 9.32
C VAL A 25 -2.51 0.05 8.61
N ASN A 26 -1.20 0.21 8.42
CA ASN A 26 -0.66 1.41 7.79
C ASN A 26 -1.03 1.45 6.31
N PHE A 27 -1.25 0.28 5.73
CA PHE A 27 -1.66 0.18 4.33
C PHE A 27 -3.09 0.70 4.18
N ILE A 28 -3.98 0.20 5.03
CA ILE A 28 -5.37 0.63 5.00
C ILE A 28 -5.45 2.13 5.24
N ARG A 29 -4.65 2.61 6.18
CA ARG A 29 -4.57 4.02 6.51
C ARG A 29 -4.15 4.84 5.29
N HIS A 30 -3.18 4.32 4.57
CA HIS A 30 -2.64 4.97 3.37
C HIS A 30 -3.73 5.11 2.29
N LEU A 31 -4.51 4.06 2.11
CA LEU A 31 -5.58 4.08 1.12
C LEU A 31 -6.75 4.95 1.61
N ARG A 32 -7.02 4.90 2.91
CA ARG A 32 -8.07 5.72 3.49
C ARG A 32 -7.71 7.20 3.41
N SER A 33 -6.45 7.50 3.66
CA SER A 33 -5.95 8.86 3.61
C SER A 33 -6.14 9.46 2.22
N ARG A 34 -5.86 8.64 1.21
CA ARG A 34 -6.04 9.07 -0.18
C ARG A 34 -7.52 9.31 -0.48
N ARG A 35 -8.36 8.37 -0.05
CA ARG A 35 -9.81 8.44 -0.31
C ARG A 35 -10.05 8.56 -1.81
N GLU A 36 -9.97 7.44 -2.50
CA GLU A 36 -10.07 7.40 -3.95
C GLU A 36 -11.52 7.48 -4.41
N GLN A 37 -12.16 8.59 -4.11
CA GLN A 37 -13.52 8.85 -4.53
C GLN A 37 -13.59 10.13 -5.35
N LYS A 38 -14.72 10.35 -6.00
CA LYS A 38 -14.92 11.55 -6.79
C LYS A 38 -15.98 12.43 -6.14
N PRO A 39 -15.55 13.49 -5.44
CA PRO A 39 -16.46 14.40 -4.73
C PRO A 39 -17.51 15.02 -5.65
N HIS A 40 -17.12 15.29 -6.89
CA HIS A 40 -18.03 15.89 -7.85
C HIS A 40 -17.67 15.49 -9.27
N LYS A 41 -16.40 15.58 -9.62
CA LYS A 41 -15.96 15.30 -10.98
C LYS A 41 -15.61 13.83 -11.17
N GLY A 1 2.55 -22.72 -11.57
CA GLY A 1 2.15 -23.27 -10.26
C GLY A 1 1.97 -22.19 -9.22
N ALA A 2 3.01 -21.98 -8.40
CA ALA A 2 2.97 -20.99 -7.32
C ALA A 2 1.85 -21.29 -6.33
N MET A 3 1.54 -20.30 -5.48
CA MET A 3 0.48 -20.43 -4.48
C MET A 3 0.84 -21.45 -3.42
N GLU A 4 2.14 -21.62 -3.19
CA GLU A 4 2.61 -22.55 -2.17
C GLU A 4 2.67 -21.87 -0.81
N VAL A 5 1.49 -21.58 -0.26
CA VAL A 5 1.36 -20.89 1.01
C VAL A 5 2.04 -19.52 0.92
N GLN A 6 1.61 -18.75 -0.06
CA GLN A 6 2.14 -17.41 -0.26
C GLN A 6 1.05 -16.53 -0.85
N THR A 7 0.13 -16.12 0.01
CA THR A 7 -0.94 -15.23 -0.40
C THR A 7 -0.49 -13.78 -0.27
N SER A 8 0.64 -13.48 -0.91
CA SER A 8 1.29 -12.19 -0.79
C SER A 8 1.62 -11.92 0.69
N GLN A 9 2.71 -12.50 1.15
CA GLN A 9 3.09 -12.43 2.55
C GLN A 9 3.50 -11.00 2.93
N LYS A 10 2.54 -10.25 3.47
CA LYS A 10 2.78 -8.90 3.95
C LYS A 10 3.38 -8.02 2.85
N SER A 11 2.77 -8.06 1.68
CA SER A 11 3.21 -7.29 0.55
C SER A 11 2.02 -6.57 -0.10
N TYR A 12 1.59 -5.50 0.54
CA TYR A 12 0.39 -4.79 0.11
C TYR A 12 0.75 -3.69 -0.87
N VAL A 13 0.26 -3.80 -2.10
CA VAL A 13 0.60 -2.83 -3.14
C VAL A 13 -0.59 -1.94 -3.47
N CYS A 14 -0.44 -0.65 -3.21
CA CYS A 14 -1.44 0.33 -3.61
C CYS A 14 -1.41 0.50 -5.12
N PRO A 15 -2.55 0.24 -5.79
CA PRO A 15 -2.63 0.26 -7.26
C PRO A 15 -2.45 1.67 -7.83
N ASN A 16 -2.58 2.68 -6.99
CA ASN A 16 -2.47 4.06 -7.45
C ASN A 16 -1.04 4.56 -7.36
N CYS A 17 -0.30 4.08 -6.37
CA CYS A 17 1.04 4.62 -6.11
C CYS A 17 2.14 3.62 -6.38
N GLY A 18 1.79 2.33 -6.41
CA GLY A 18 2.81 1.29 -6.48
C GLY A 18 3.52 1.15 -5.14
N LYS A 19 2.92 1.78 -4.14
CA LYS A 19 3.46 1.81 -2.79
C LYS A 19 3.20 0.48 -2.10
N ILE A 20 4.26 -0.16 -1.62
CA ILE A 20 4.14 -1.46 -0.98
C ILE A 20 4.31 -1.33 0.52
N PHE A 21 3.37 -1.92 1.25
CA PHE A 21 3.41 -1.90 2.69
C PHE A 21 3.60 -3.30 3.24
N ARG A 22 4.25 -3.39 4.37
CA ARG A 22 4.54 -4.66 5.00
C ARG A 22 3.50 -4.99 6.06
N TRP A 23 2.75 -3.97 6.47
CA TRP A 23 1.75 -4.13 7.51
C TRP A 23 0.36 -3.75 6.99
N ARG A 24 -0.64 -4.41 7.52
CA ARG A 24 -2.02 -4.19 7.11
C ARG A 24 -2.53 -2.83 7.60
N VAL A 25 -2.16 -2.46 8.82
CA VAL A 25 -2.70 -1.28 9.46
C VAL A 25 -2.32 0.01 8.74
N ASN A 26 -1.04 0.16 8.42
CA ASN A 26 -0.56 1.35 7.74
C ASN A 26 -0.99 1.35 6.28
N PHE A 27 -1.21 0.16 5.71
CA PHE A 27 -1.69 0.03 4.34
C PHE A 27 -3.09 0.60 4.22
N ILE A 28 -3.98 0.16 5.11
CA ILE A 28 -5.35 0.63 5.12
C ILE A 28 -5.38 2.15 5.34
N ARG A 29 -4.43 2.63 6.12
CA ARG A 29 -4.26 4.06 6.37
C ARG A 29 -3.96 4.81 5.07
N HIS A 30 -3.06 4.23 4.28
CA HIS A 30 -2.65 4.83 3.01
C HIS A 30 -3.80 4.83 2.00
N LEU A 31 -4.60 3.77 2.03
CA LEU A 31 -5.76 3.68 1.14
C LEU A 31 -6.92 4.52 1.66
N ARG A 32 -6.98 4.68 2.98
CA ARG A 32 -7.97 5.53 3.61
C ARG A 32 -7.71 6.98 3.24
N SER A 33 -6.43 7.33 3.18
CA SER A 33 -6.02 8.64 2.73
C SER A 33 -6.07 8.70 1.20
N ARG A 34 -7.24 8.39 0.65
CA ARG A 34 -7.43 8.34 -0.79
C ARG A 34 -7.65 9.75 -1.34
N ARG A 35 -6.64 10.58 -1.13
CA ARG A 35 -6.62 11.94 -1.64
C ARG A 35 -5.53 12.06 -2.69
N GLU A 36 -5.22 10.91 -3.30
CA GLU A 36 -4.14 10.81 -4.26
C GLU A 36 -4.62 11.28 -5.63
N GLN A 37 -5.92 11.16 -5.84
CA GLN A 37 -6.56 11.64 -7.05
C GLN A 37 -7.79 12.48 -6.70
N LYS A 38 -8.77 11.81 -6.08
CA LYS A 38 -10.00 12.47 -5.64
C LYS A 38 -10.77 13.08 -6.82
N PRO A 39 -11.69 12.32 -7.41
CA PRO A 39 -12.55 12.80 -8.49
C PRO A 39 -13.63 13.71 -7.96
N HIS A 40 -13.95 14.76 -8.70
CA HIS A 40 -14.98 15.71 -8.30
C HIS A 40 -16.34 15.14 -8.64
N LYS A 41 -16.37 14.19 -9.56
CA LYS A 41 -17.59 13.50 -9.93
C LYS A 41 -17.58 12.09 -9.36
N GLY A 1 16.33 -4.93 -9.47
CA GLY A 1 16.98 -4.13 -8.41
C GLY A 1 16.23 -2.85 -8.11
N ALA A 2 14.94 -2.83 -8.41
CA ALA A 2 14.12 -1.65 -8.18
C ALA A 2 12.67 -2.04 -7.98
N MET A 3 12.15 -2.82 -8.91
CA MET A 3 10.75 -3.25 -8.87
C MET A 3 10.65 -4.76 -8.86
N GLU A 4 10.90 -5.35 -7.69
CA GLU A 4 10.81 -6.79 -7.51
C GLU A 4 9.46 -7.16 -6.89
N VAL A 5 8.73 -8.04 -7.55
CA VAL A 5 7.43 -8.47 -7.07
C VAL A 5 7.57 -9.73 -6.21
N GLN A 6 8.43 -10.65 -6.65
CA GLN A 6 8.65 -11.88 -5.91
C GLN A 6 9.62 -11.66 -4.75
N THR A 7 9.14 -10.94 -3.76
CA THR A 7 9.91 -10.67 -2.56
C THR A 7 8.97 -10.26 -1.43
N SER A 8 9.54 -10.07 -0.23
CA SER A 8 8.78 -9.68 0.96
C SER A 8 7.88 -10.82 1.43
N GLN A 9 7.95 -11.13 2.73
CA GLN A 9 7.11 -12.16 3.32
C GLN A 9 5.66 -11.71 3.32
N LYS A 10 5.47 -10.40 3.41
CA LYS A 10 4.16 -9.80 3.28
C LYS A 10 4.28 -8.42 2.64
N SER A 11 3.59 -8.21 1.54
CA SER A 11 3.67 -6.95 0.82
C SER A 11 2.31 -6.61 0.20
N TYR A 12 1.82 -5.43 0.53
CA TYR A 12 0.56 -4.94 0.00
C TYR A 12 0.83 -3.78 -0.94
N VAL A 13 0.27 -3.84 -2.13
CA VAL A 13 0.55 -2.84 -3.15
C VAL A 13 -0.64 -1.91 -3.39
N CYS A 14 -0.45 -0.63 -3.17
CA CYS A 14 -1.44 0.37 -3.57
C CYS A 14 -1.41 0.51 -5.08
N PRO A 15 -2.53 0.25 -5.76
CA PRO A 15 -2.59 0.21 -7.22
C PRO A 15 -2.40 1.59 -7.84
N ASN A 16 -2.58 2.62 -7.03
CA ASN A 16 -2.47 3.98 -7.50
C ASN A 16 -1.04 4.51 -7.38
N CYS A 17 -0.39 4.21 -6.25
CA CYS A 17 0.94 4.75 -5.99
C CYS A 17 2.04 3.75 -6.33
N GLY A 18 1.68 2.48 -6.40
CA GLY A 18 2.67 1.42 -6.57
C GLY A 18 3.45 1.21 -5.29
N LYS A 19 2.91 1.74 -4.20
CA LYS A 19 3.56 1.72 -2.90
C LYS A 19 3.36 0.37 -2.23
N ILE A 20 4.42 -0.18 -1.66
CA ILE A 20 4.33 -1.47 -0.99
C ILE A 20 4.40 -1.30 0.53
N PHE A 21 3.45 -1.92 1.22
CA PHE A 21 3.40 -1.88 2.66
C PHE A 21 3.56 -3.28 3.23
N ARG A 22 4.14 -3.35 4.41
CA ARG A 22 4.38 -4.63 5.04
C ARG A 22 3.28 -4.96 6.03
N TRP A 23 2.74 -3.94 6.66
CA TRP A 23 1.67 -4.14 7.64
C TRP A 23 0.33 -3.68 7.07
N ARG A 24 -0.73 -4.33 7.53
CA ARG A 24 -2.09 -4.05 7.08
C ARG A 24 -2.59 -2.71 7.60
N VAL A 25 -2.20 -2.36 8.83
CA VAL A 25 -2.72 -1.17 9.47
C VAL A 25 -2.32 0.11 8.72
N ASN A 26 -1.03 0.22 8.39
CA ASN A 26 -0.55 1.39 7.65
C ASN A 26 -1.01 1.34 6.20
N PHE A 27 -1.13 0.13 5.65
CA PHE A 27 -1.63 -0.04 4.29
C PHE A 27 -3.03 0.52 4.16
N ILE A 28 -3.92 0.10 5.06
CA ILE A 28 -5.30 0.57 5.03
C ILE A 28 -5.35 2.07 5.32
N ARG A 29 -4.44 2.53 6.16
CA ARG A 29 -4.30 3.95 6.47
C ARG A 29 -3.98 4.73 5.19
N HIS A 30 -3.05 4.19 4.41
CA HIS A 30 -2.63 4.79 3.15
C HIS A 30 -3.77 4.80 2.13
N LEU A 31 -4.56 3.73 2.11
CA LEU A 31 -5.69 3.61 1.19
C LEU A 31 -6.87 4.44 1.66
N ARG A 32 -7.03 4.57 2.97
CA ARG A 32 -8.12 5.35 3.54
C ARG A 32 -7.89 6.84 3.34
N SER A 33 -6.63 7.22 3.21
CA SER A 33 -6.25 8.62 3.05
C SER A 33 -6.34 9.06 1.58
N ARG A 34 -6.92 8.20 0.74
CA ARG A 34 -7.12 8.56 -0.66
C ARG A 34 -8.26 9.54 -0.78
N ARG A 35 -9.48 9.09 -0.46
CA ARG A 35 -10.68 9.90 -0.63
C ARG A 35 -10.80 10.33 -2.08
N GLU A 36 -10.56 9.38 -2.99
CA GLU A 36 -10.57 9.64 -4.41
C GLU A 36 -11.66 8.79 -5.07
N GLN A 37 -12.72 8.52 -4.32
CA GLN A 37 -13.85 7.76 -4.82
C GLN A 37 -14.61 8.55 -5.87
N LYS A 38 -14.47 9.87 -5.80
CA LYS A 38 -15.01 10.77 -6.81
C LYS A 38 -13.98 11.83 -7.22
N PRO A 39 -13.30 12.49 -6.24
CA PRO A 39 -12.23 13.45 -6.55
C PRO A 39 -10.90 12.74 -6.82
N HIS A 40 -10.69 12.32 -8.05
CA HIS A 40 -9.46 11.63 -8.45
C HIS A 40 -8.43 12.59 -9.01
N LYS A 41 -8.27 13.72 -8.31
CA LYS A 41 -7.35 14.76 -8.74
C LYS A 41 -5.91 14.39 -8.39
#